data_8AH9
#
_entry.id   8AH9
#
_cell.length_a   55.482
_cell.length_b   77.485
_cell.length_c   60.652
_cell.angle_alpha   90.000
_cell.angle_beta   90.000
_cell.angle_gamma   90.000
#
_symmetry.space_group_name_H-M   'C 2 2 21'
#
loop_
_entity.id
_entity.type
_entity.pdbx_description
1 polymer RAbetaB-16.1
2 non-polymer 'BENZOIC ACID'
3 water water
#
_entity_poly.entity_id   1
_entity_poly.type   'polypeptide(L)'
_entity_poly.pdbx_seq_one_letter_code
;HHHHHAPCAADVLPGTWRIDAKYSNGERFEGRLEVRPETPTKFRIRIEGKDSNGKPSHKEGWMEVRTCTKVEVRVKASTG
EESRGYMELKSPYKLRLEAKTYDRTGHPVYKVEGHLERIA
;
_entity_poly.pdbx_strand_id   A
#
# COMPACT_ATOMS: atom_id res chain seq x y z
N ALA A 6 15.84 3.44 -16.18
CA ALA A 6 14.38 3.18 -15.96
C ALA A 6 13.79 4.21 -15.00
N PRO A 7 12.48 4.50 -15.08
CA PRO A 7 11.86 5.51 -14.21
C PRO A 7 11.81 5.00 -12.77
N CYS A 8 11.87 5.94 -11.82
N CYS A 8 11.93 5.92 -11.80
CA CYS A 8 11.83 5.60 -10.42
CA CYS A 8 11.87 5.52 -10.40
C CYS A 8 10.38 5.53 -9.94
C CYS A 8 10.42 5.53 -9.94
N ALA A 9 10.19 4.92 -8.77
CA ALA A 9 8.87 4.74 -8.19
C ALA A 9 8.19 6.08 -7.98
N ALA A 10 8.97 7.09 -7.55
CA ALA A 10 8.39 8.37 -7.21
C ALA A 10 7.73 9.01 -8.42
N ASP A 11 8.32 8.81 -9.60
CA ASP A 11 7.82 9.41 -10.83
C ASP A 11 6.48 8.80 -11.22
N VAL A 12 6.20 7.55 -10.87
CA VAL A 12 4.97 6.98 -11.41
C VAL A 12 3.89 6.79 -10.36
N LEU A 13 4.15 7.13 -9.09
CA LEU A 13 3.25 6.83 -8.01
C LEU A 13 1.97 7.67 -8.00
N PRO A 14 1.96 9.00 -8.26
CA PRO A 14 0.72 9.77 -8.04
C PRO A 14 -0.40 9.25 -8.93
N GLY A 15 -1.62 9.26 -8.38
CA GLY A 15 -2.79 8.77 -9.10
C GLY A 15 -3.47 7.66 -8.33
N THR A 16 -4.24 6.86 -9.05
CA THR A 16 -5.06 5.81 -8.46
C THR A 16 -4.56 4.45 -8.94
N TRP A 17 -4.51 3.52 -7.99
CA TRP A 17 -4.00 2.18 -8.21
C TRP A 17 -5.07 1.17 -7.79
N ARG A 18 -5.20 0.09 -8.56
CA ARG A 18 -5.97 -1.06 -8.11
C ARG A 18 -5.09 -1.95 -7.23
N ILE A 19 -5.65 -2.42 -6.11
CA ILE A 19 -4.93 -3.28 -5.19
C ILE A 19 -5.66 -4.60 -4.99
N ASP A 20 -4.85 -5.68 -5.04
CA ASP A 20 -5.32 -7.01 -4.69
C ASP A 20 -4.29 -7.62 -3.74
N ALA A 21 -4.72 -7.96 -2.52
CA ALA A 21 -3.80 -8.38 -1.48
C ALA A 21 -4.35 -9.62 -0.78
N LYS A 22 -3.40 -10.37 -0.22
CA LYS A 22 -3.69 -11.62 0.49
C LYS A 22 -2.94 -11.53 1.81
N TYR A 23 -3.56 -12.02 2.87
CA TYR A 23 -2.97 -11.95 4.19
C TYR A 23 -2.56 -13.34 4.66
N SER A 24 -1.61 -13.36 5.59
CA SER A 24 -1.10 -14.61 6.15
C SER A 24 -2.15 -15.36 6.98
N ASN A 25 -3.26 -14.72 7.35
CA ASN A 25 -4.36 -15.36 8.05
C ASN A 25 -5.44 -15.89 7.09
N GLY A 26 -5.19 -15.88 5.77
CA GLY A 26 -6.11 -16.38 4.77
C GLY A 26 -7.14 -15.36 4.29
N GLU A 27 -7.22 -14.19 4.90
CA GLU A 27 -8.12 -13.13 4.42
C GLU A 27 -7.55 -12.51 3.14
N ARG A 28 -8.43 -11.78 2.43
CA ARG A 28 -8.10 -11.10 1.19
C ARG A 28 -8.63 -9.67 1.23
N PHE A 29 -8.05 -8.83 0.39
CA PHE A 29 -8.46 -7.45 0.26
C PHE A 29 -8.40 -7.06 -1.22
N GLU A 30 -9.44 -6.39 -1.69
CA GLU A 30 -9.46 -5.85 -3.02
C GLU A 30 -9.96 -4.42 -2.93
N GLY A 31 -9.32 -3.52 -3.66
CA GLY A 31 -9.79 -2.15 -3.67
C GLY A 31 -8.91 -1.22 -4.48
N ARG A 32 -8.86 0.02 -4.01
CA ARG A 32 -8.17 1.10 -4.66
C ARG A 32 -7.31 1.88 -3.67
N LEU A 33 -6.18 2.33 -4.20
CA LEU A 33 -5.24 3.16 -3.46
C LEU A 33 -5.11 4.47 -4.23
N GLU A 34 -5.27 5.60 -3.54
CA GLU A 34 -5.08 6.90 -4.17
C GLU A 34 -3.84 7.54 -3.55
N VAL A 35 -2.93 8.05 -4.41
CA VAL A 35 -1.64 8.56 -4.00
C VAL A 35 -1.61 10.04 -4.38
N ARG A 36 -1.41 10.91 -3.38
CA ARG A 36 -1.22 12.33 -3.63
C ARG A 36 0.17 12.76 -3.20
N PRO A 37 0.85 13.56 -4.04
CA PRO A 37 2.16 14.10 -3.68
C PRO A 37 2.04 15.05 -2.49
N GLU A 38 3.00 14.96 -1.56
CA GLU A 38 3.13 15.94 -0.50
C GLU A 38 4.43 16.72 -0.67
N THR A 39 5.53 15.99 -0.84
CA THR A 39 6.85 16.59 -1.06
C THR A 39 7.54 15.72 -2.10
N PRO A 40 8.76 16.07 -2.61
CA PRO A 40 9.47 15.20 -3.54
C PRO A 40 9.67 13.76 -3.07
N THR A 41 9.78 13.54 -1.75
CA THR A 41 10.06 12.18 -1.29
C THR A 41 8.90 11.53 -0.54
N LYS A 42 7.80 12.25 -0.32
CA LYS A 42 6.70 11.79 0.54
C LYS A 42 5.35 11.95 -0.14
N PHE A 43 4.47 10.96 0.06
CA PHE A 43 3.19 10.92 -0.60
C PHE A 43 2.16 10.58 0.45
N ARG A 44 0.95 11.14 0.32
CA ARG A 44 -0.16 10.75 1.20
C ARG A 44 -1.01 9.74 0.45
N ILE A 45 -1.49 8.73 1.18
CA ILE A 45 -2.22 7.64 0.55
C ILE A 45 -3.50 7.36 1.32
N ARG A 46 -4.52 6.99 0.56
CA ARG A 46 -5.77 6.50 1.10
C ARG A 46 -6.11 5.19 0.40
N ILE A 47 -6.60 4.24 1.19
CA ILE A 47 -6.94 2.92 0.69
C ILE A 47 -8.37 2.60 1.08
N GLU A 48 -9.16 2.11 0.13
CA GLU A 48 -10.54 1.78 0.35
C GLU A 48 -10.77 0.44 -0.34
N GLY A 49 -11.47 -0.50 0.29
CA GLY A 49 -11.76 -1.77 -0.37
C GLY A 49 -12.61 -2.67 0.50
N LYS A 50 -12.60 -3.96 0.15
CA LYS A 50 -13.47 -4.94 0.78
C LYS A 50 -12.68 -6.23 0.92
N ASP A 51 -13.07 -7.01 1.93
CA ASP A 51 -12.60 -8.37 2.09
C ASP A 51 -13.48 -9.31 1.25
N SER A 52 -13.23 -10.62 1.35
CA SER A 52 -13.87 -11.55 0.42
C SER A 52 -15.37 -11.75 0.71
N ASN A 53 -15.84 -11.33 1.89
CA ASN A 53 -17.27 -11.33 2.19
C ASN A 53 -17.93 -9.99 1.93
N GLY A 54 -17.22 -9.02 1.32
CA GLY A 54 -17.84 -7.74 0.98
C GLY A 54 -17.75 -6.69 2.07
N LYS A 55 -17.02 -6.98 3.16
CA LYS A 55 -16.99 -6.08 4.29
C LYS A 55 -15.99 -4.94 4.00
N PRO A 56 -16.39 -3.66 4.08
CA PRO A 56 -15.55 -2.55 3.65
C PRO A 56 -14.42 -2.29 4.65
N SER A 57 -13.31 -1.77 4.15
CA SER A 57 -12.25 -1.35 5.05
C SER A 57 -11.56 -0.15 4.43
N HIS A 58 -10.93 0.62 5.31
CA HIS A 58 -10.35 1.90 4.94
C HIS A 58 -9.05 2.04 5.71
N LYS A 59 -7.99 2.50 5.03
CA LYS A 59 -6.73 2.83 5.70
C LYS A 59 -6.19 4.14 5.10
N GLU A 60 -5.38 4.84 5.87
CA GLU A 60 -4.80 6.09 5.43
C GLU A 60 -3.37 6.17 5.95
N GLY A 61 -2.49 6.86 5.23
CA GLY A 61 -1.15 7.02 5.75
C GLY A 61 -0.24 7.69 4.76
N TRP A 62 1.00 7.19 4.71
CA TRP A 62 2.02 7.87 3.91
C TRP A 62 2.93 6.85 3.25
N MET A 63 3.65 7.31 2.22
CA MET A 63 4.70 6.56 1.56
C MET A 63 5.92 7.49 1.45
N GLU A 64 7.11 6.92 1.60
CA GLU A 64 8.33 7.70 1.57
C GLU A 64 9.32 6.95 0.69
N VAL A 65 10.00 7.68 -0.19
CA VAL A 65 11.00 7.07 -1.06
C VAL A 65 12.14 6.49 -0.24
N ARG A 66 12.57 5.27 -0.60
CA ARG A 66 13.76 4.65 -0.04
C ARG A 66 14.83 4.52 -1.13
N THR A 67 14.45 4.02 -2.30
CA THR A 67 15.38 3.85 -3.42
C THR A 67 14.65 4.21 -4.69
N CYS A 68 15.31 4.06 -5.82
N CYS A 68 15.31 4.08 -5.83
CA CYS A 68 14.67 4.35 -7.09
CA CYS A 68 14.65 4.36 -7.11
C CYS A 68 13.47 3.41 -7.34
C CYS A 68 13.45 3.42 -7.32
N THR A 69 13.52 2.20 -6.79
CA THR A 69 12.45 1.22 -7.01
C THR A 69 11.61 0.90 -5.77
N LYS A 70 12.01 1.37 -4.60
CA LYS A 70 11.34 1.00 -3.37
C LYS A 70 10.84 2.22 -2.58
N VAL A 71 9.61 2.11 -2.09
CA VAL A 71 9.03 3.10 -1.20
C VAL A 71 8.58 2.40 0.06
N GLU A 72 8.76 3.04 1.22
CA GLU A 72 8.19 2.56 2.46
C GLU A 72 6.73 3.04 2.59
N VAL A 73 5.86 2.18 3.10
CA VAL A 73 4.48 2.55 3.32
C VAL A 73 4.11 2.29 4.78
N ARG A 74 3.42 3.26 5.38
CA ARG A 74 2.86 3.12 6.70
C ARG A 74 1.42 3.61 6.65
N VAL A 75 0.50 2.74 7.05
CA VAL A 75 -0.90 3.15 7.07
C VAL A 75 -1.56 2.71 8.36
N LYS A 76 -2.66 3.39 8.67
CA LYS A 76 -3.42 3.03 9.85
C LYS A 76 -4.88 2.89 9.49
N ALA A 77 -5.55 2.03 10.25
CA ALA A 77 -6.99 1.92 10.27
C ALA A 77 -7.54 2.66 11.51
N SER A 78 -8.84 2.93 11.55
CA SER A 78 -9.48 3.40 12.80
C SER A 78 -9.45 2.40 13.97
N THR A 79 -9.48 1.09 13.73
CA THR A 79 -9.27 0.09 14.78
C THR A 79 -8.01 0.34 15.62
N GLY A 80 -7.10 1.20 15.14
CA GLY A 80 -5.80 1.38 15.77
C GLY A 80 -4.73 0.45 15.18
N GLU A 81 -5.12 -0.36 14.19
CA GLU A 81 -4.18 -1.24 13.56
C GLU A 81 -3.26 -0.39 12.69
N GLU A 82 -1.97 -0.72 12.71
CA GLU A 82 -1.01 -0.06 11.83
C GLU A 82 -0.41 -1.12 10.92
N SER A 83 -0.20 -0.76 9.65
N SER A 83 -0.15 -0.75 9.66
CA SER A 83 0.54 -1.60 8.72
CA SER A 83 0.54 -1.61 8.73
C SER A 83 1.79 -0.84 8.27
C SER A 83 1.75 -0.88 8.17
N ARG A 84 2.91 -1.57 8.15
CA ARG A 84 4.15 -0.98 7.66
C ARG A 84 4.84 -1.99 6.73
N GLY A 85 5.33 -1.53 5.61
CA GLY A 85 6.05 -2.39 4.69
C GLY A 85 6.63 -1.56 3.57
N TYR A 86 6.77 -2.19 2.41
CA TYR A 86 7.38 -1.57 1.27
C TYR A 86 6.59 -1.94 0.03
N MET A 87 6.73 -1.07 -0.96
CA MET A 87 6.29 -1.41 -2.31
C MET A 87 7.48 -1.28 -3.23
N GLU A 88 7.62 -2.23 -4.15
CA GLU A 88 8.70 -2.26 -5.11
C GLU A 88 8.15 -2.11 -6.53
N LEU A 89 8.75 -1.21 -7.32
CA LEU A 89 8.26 -0.99 -8.68
C LEU A 89 8.72 -2.12 -9.57
N LYS A 90 7.78 -2.80 -10.24
CA LYS A 90 8.11 -3.93 -11.11
C LYS A 90 8.04 -3.57 -12.59
N SER A 91 7.26 -2.55 -12.91
CA SER A 91 7.09 -2.07 -14.28
C SER A 91 6.64 -0.64 -14.11
N PRO A 92 6.48 0.14 -15.21
CA PRO A 92 5.96 1.49 -15.11
C PRO A 92 4.60 1.64 -14.47
N TYR A 93 3.82 0.55 -14.38
CA TYR A 93 2.45 0.62 -13.87
C TYR A 93 2.17 -0.49 -12.85
N LYS A 94 3.20 -1.14 -12.30
N LYS A 94 3.21 -1.14 -12.32
CA LYS A 94 2.97 -2.24 -11.37
CA LYS A 94 3.04 -2.24 -11.38
C LYS A 94 3.91 -2.19 -10.18
C LYS A 94 3.92 -2.09 -10.15
N LEU A 95 3.34 -2.35 -8.98
CA LEU A 95 4.03 -2.42 -7.72
C LEU A 95 3.70 -3.74 -7.03
N ARG A 96 4.69 -4.27 -6.32
CA ARG A 96 4.52 -5.38 -5.41
C ARG A 96 4.61 -4.85 -4.00
N LEU A 97 3.66 -5.27 -3.14
CA LEU A 97 3.55 -4.86 -1.75
C LEU A 97 3.94 -6.02 -0.82
N GLU A 98 4.69 -5.71 0.22
CA GLU A 98 4.89 -6.64 1.31
C GLU A 98 4.81 -5.84 2.58
N ALA A 99 3.94 -6.22 3.52
CA ALA A 99 3.79 -5.47 4.74
C ALA A 99 3.46 -6.37 5.91
N LYS A 100 3.58 -5.77 7.11
CA LYS A 100 3.23 -6.38 8.37
C LYS A 100 2.20 -5.50 9.09
N THR A 101 1.15 -6.13 9.63
CA THR A 101 0.08 -5.42 10.31
C THR A 101 0.16 -5.74 11.78
N TYR A 102 -0.02 -4.71 12.61
CA TYR A 102 0.09 -4.83 14.04
C TYR A 102 -1.23 -4.40 14.68
N ASP A 103 -1.56 -5.01 15.82
CA ASP A 103 -2.76 -4.59 16.53
C ASP A 103 -2.42 -3.37 17.39
N ARG A 104 -3.41 -2.92 18.16
CA ARG A 104 -3.35 -1.69 18.93
C ARG A 104 -2.15 -1.65 19.88
N THR A 105 -1.74 -2.81 20.41
CA THR A 105 -0.67 -2.88 21.40
C THR A 105 0.71 -3.10 20.76
N GLY A 106 0.73 -3.25 19.42
CA GLY A 106 1.97 -3.42 18.66
C GLY A 106 2.34 -4.88 18.45
N HIS A 107 1.43 -5.81 18.77
CA HIS A 107 1.62 -7.21 18.48
C HIS A 107 1.30 -7.48 17.01
N PRO A 108 2.12 -8.28 16.29
CA PRO A 108 1.91 -8.52 14.88
C PRO A 108 0.68 -9.41 14.73
N VAL A 109 -0.20 -9.13 13.76
CA VAL A 109 -1.45 -9.87 13.57
C VAL A 109 -1.42 -10.64 12.25
N TYR A 110 -0.87 -10.05 11.20
CA TYR A 110 -0.64 -10.79 9.98
C TYR A 110 0.37 -10.04 9.11
N LYS A 111 0.81 -10.76 8.08
CA LYS A 111 1.60 -10.22 7.01
C LYS A 111 0.76 -10.17 5.75
N VAL A 112 1.11 -9.23 4.87
CA VAL A 112 0.32 -8.89 3.71
C VAL A 112 1.23 -8.96 2.50
N GLU A 113 0.73 -9.57 1.44
CA GLU A 113 1.42 -9.50 0.15
C GLU A 113 0.38 -9.06 -0.89
N GLY A 114 0.78 -8.18 -1.80
CA GLY A 114 -0.19 -7.69 -2.75
C GLY A 114 0.45 -7.19 -4.04
N HIS A 115 -0.41 -6.96 -5.03
CA HIS A 115 -0.03 -6.44 -6.31
C HIS A 115 -0.91 -5.23 -6.59
N LEU A 116 -0.29 -4.18 -7.11
CA LEU A 116 -1.00 -2.97 -7.44
C LEU A 116 -0.71 -2.63 -8.88
N GLU A 117 -1.73 -2.15 -9.59
CA GLU A 117 -1.58 -1.69 -10.96
C GLU A 117 -2.23 -0.32 -11.11
N ARG A 118 -1.57 0.58 -11.85
N ARG A 118 -1.55 0.57 -11.83
CA ARG A 118 -2.00 1.97 -11.89
CA ARG A 118 -2.00 1.94 -11.92
C ARG A 118 -3.10 2.13 -12.93
C ARG A 118 -3.19 1.96 -12.88
N ILE A 119 -4.24 2.72 -12.52
CA ILE A 119 -5.40 2.87 -13.39
C ILE A 119 -5.77 4.33 -13.64
N ALA A 120 -4.98 5.24 -13.07
CA ALA A 120 -5.21 6.68 -13.17
C ALA A 120 -4.26 7.38 -12.20
#